data_7ET6
#
_entry.id   7ET6
#
_cell.length_a   68.760
_cell.length_b   68.760
_cell.length_c   162.987
_cell.angle_alpha   90.000
_cell.angle_beta   90.000
_cell.angle_gamma   90.000
#
_symmetry.space_group_name_H-M   'P 43 2 2'
#
loop_
_entity.id
_entity.type
_entity.pdbx_description
1 polymer 'AP2/ERF and B3 domain-containing transcription repressor TEM1'
2 polymer FT-RY14-F
3 polymer FT-RY14-R
4 water water
#
loop_
_entity_poly.entity_id
_entity_poly.type
_entity_poly.pdbx_seq_one_letter_code
_entity_poly.pdbx_strand_id
1 'polypeptide(L)'
;SAVLRAREVLFEKTVTPSDVGKLNRLVIPKQHAEKHFPLPAMTTAMGMNPSPTKGVLINLEDRTGKVWRFRYSYWNSSQS
YVLTKGWSRFVKEKNLRAGDVVCFERSTGPDRQLYIHWKVRSSPV
;
D,A
2 'polydeoxyribonucleotide' (DG)(DA)(DA)(DA)(DC)(DC)(DA)(DC)(DC)(DT)(DG)(DT)(DT)(DT)(DG) E
3 'polydeoxyribonucleotide' (DC)(DC)(DA)(DA)(DA)(DC)(DA)(DG)(DG)(DT)(DG)(DG)(DT)(DT)(DT) F
#
# COMPACT_ATOMS: atom_id res chain seq x y z
N ARG A 5 6.45 -32.48 22.05
CA ARG A 5 5.71 -31.36 22.61
C ARG A 5 4.23 -31.41 22.22
N ALA A 6 3.51 -30.34 22.57
CA ALA A 6 2.24 -30.01 21.95
C ALA A 6 2.41 -29.34 20.60
N ARG A 7 3.65 -29.18 20.17
CA ARG A 7 3.91 -28.43 18.91
C ARG A 7 4.71 -29.27 17.94
N GLU A 8 4.45 -29.10 16.65
CA GLU A 8 5.21 -29.75 15.59
C GLU A 8 5.80 -28.65 14.73
N VAL A 9 7.12 -28.63 14.63
CA VAL A 9 7.78 -27.63 13.79
C VAL A 9 7.59 -28.02 12.33
N LEU A 10 7.26 -27.04 11.50
CA LEU A 10 6.93 -27.26 10.09
C LEU A 10 8.11 -26.99 9.17
N PHE A 11 8.73 -25.83 9.29
CA PHE A 11 9.91 -25.53 8.50
C PHE A 11 10.61 -24.32 9.11
N GLU A 12 11.79 -24.01 8.58
CA GLU A 12 12.58 -22.87 9.02
C GLU A 12 13.36 -22.30 7.84
N LYS A 13 13.72 -21.02 7.94
CA LYS A 13 14.48 -20.38 6.89
C LYS A 13 15.47 -19.38 7.49
N THR A 14 16.70 -19.42 6.97
CA THR A 14 17.69 -18.40 7.27
C THR A 14 17.40 -17.20 6.37
N VAL A 15 17.16 -16.04 6.98
CA VAL A 15 16.53 -14.94 6.28
C VAL A 15 17.53 -14.27 5.34
N THR A 16 17.12 -14.07 4.10
CA THR A 16 17.94 -13.29 3.22
C THR A 16 17.98 -11.85 3.72
N PRO A 17 18.95 -11.06 3.24
CA PRO A 17 18.99 -9.65 3.66
C PRO A 17 17.79 -8.83 3.19
N SER A 18 17.10 -9.28 2.14
CA SER A 18 15.91 -8.59 1.67
C SER A 18 14.69 -8.96 2.51
N ASP A 19 14.75 -10.10 3.21
CA ASP A 19 13.68 -10.48 4.13
C ASP A 19 13.60 -9.54 5.32
N VAL A 20 14.73 -8.95 5.71
CA VAL A 20 14.79 -7.98 6.79
C VAL A 20 14.91 -6.56 6.24
N GLY A 21 14.65 -6.39 4.94
CA GLY A 21 14.93 -5.16 4.25
C GLY A 21 13.70 -4.35 3.86
N LYS A 22 13.97 -3.25 3.16
CA LYS A 22 12.95 -2.30 2.76
C LYS A 22 11.84 -2.92 1.93
N LEU A 23 12.10 -4.06 1.29
CA LEU A 23 11.06 -4.74 0.52
C LEU A 23 9.90 -5.20 1.40
N ASN A 24 10.08 -5.23 2.72
CA ASN A 24 9.01 -5.51 3.68
C ASN A 24 8.23 -6.77 3.28
N ARG A 25 8.98 -7.86 3.17
CA ARG A 25 8.39 -9.15 2.75
C ARG A 25 9.36 -10.28 3.10
N LEU A 26 8.84 -11.44 3.46
CA LEU A 26 9.64 -12.64 3.68
C LEU A 26 9.33 -13.62 2.55
N VAL A 27 10.32 -13.83 1.68
CA VAL A 27 10.18 -14.90 0.70
C VAL A 27 10.13 -16.22 1.43
N ILE A 28 9.13 -17.03 1.09
CA ILE A 28 8.94 -18.36 1.68
C ILE A 28 9.25 -19.39 0.61
N PRO A 29 10.16 -20.33 0.87
CA PRO A 29 10.55 -21.30 -0.16
C PRO A 29 9.36 -22.09 -0.68
N LYS A 30 9.24 -22.15 -2.01
CA LYS A 30 8.10 -22.83 -2.63
C LYS A 30 8.01 -24.28 -2.16
N GLN A 31 9.16 -24.94 -2.00
CA GLN A 31 9.21 -26.28 -1.42
C GLN A 31 8.45 -26.32 -0.11
N HIS A 32 8.80 -25.42 0.81
CA HIS A 32 8.17 -25.35 2.12
C HIS A 32 6.81 -24.65 2.06
N ALA A 33 6.50 -23.95 0.97
CA ALA A 33 5.23 -23.25 0.88
C ALA A 33 4.09 -24.20 0.50
N GLU A 34 4.31 -25.00 -0.55
CA GLU A 34 3.22 -25.88 -1.02
C GLU A 34 2.97 -26.97 0.01
N LYS A 35 4.05 -27.29 0.79
CA LYS A 35 3.99 -28.37 1.81
C LYS A 35 2.98 -28.08 2.92
N HIS A 36 3.09 -26.99 3.62
CA HIS A 36 2.25 -26.74 4.83
C HIS A 36 1.27 -25.61 4.61
N PHE A 37 1.52 -24.74 3.65
CA PHE A 37 0.64 -23.56 3.50
C PHE A 37 0.09 -23.55 2.07
N PRO A 38 -0.95 -24.34 1.69
CA PRO A 38 -1.38 -24.34 0.28
C PRO A 38 -2.34 -23.19 -0.03
N LEU A 39 -1.93 -22.28 -0.92
CA LEU A 39 -2.65 -21.04 -1.20
C LEU A 39 -3.93 -21.25 -2.00
N PRO A 40 -3.98 -22.15 -2.98
CA PRO A 40 -5.28 -22.46 -3.59
C PRO A 40 -6.31 -22.91 -2.57
N ALA A 41 -5.91 -23.72 -1.59
CA ALA A 41 -6.76 -24.08 -0.47
C ALA A 41 -6.89 -22.96 0.56
N MET A 42 -6.33 -21.78 0.28
CA MET A 42 -6.38 -20.63 1.18
C MET A 42 -5.82 -20.96 2.57
N THR A 43 -4.84 -21.87 2.61
CA THR A 43 -4.12 -22.28 3.83
C THR A 43 -5.01 -22.42 5.07
N LYS A 54 -5.07 -13.38 -4.37
CA LYS A 54 -5.39 -12.23 -3.48
C LYS A 54 -4.64 -12.42 -2.16
N GLY A 55 -4.75 -13.60 -1.57
CA GLY A 55 -3.97 -13.87 -0.35
C GLY A 55 -4.83 -14.10 0.87
N VAL A 56 -4.22 -14.54 1.96
CA VAL A 56 -4.98 -14.84 3.20
C VAL A 56 -4.22 -14.31 4.41
N LEU A 57 -4.94 -13.96 5.48
CA LEU A 57 -4.30 -13.47 6.71
C LEU A 57 -4.07 -14.65 7.66
N ILE A 58 -2.83 -14.82 8.12
CA ILE A 58 -2.47 -15.96 9.00
C ILE A 58 -2.09 -15.42 10.38
N ASN A 59 -2.46 -16.12 11.45
CA ASN A 59 -2.22 -15.64 12.81
C ASN A 59 -1.19 -16.53 13.47
N LEU A 60 -0.01 -15.98 13.77
CA LEU A 60 1.10 -16.75 14.29
C LEU A 60 1.55 -16.16 15.62
N GLU A 61 1.75 -17.02 16.62
CA GLU A 61 2.04 -16.63 17.98
C GLU A 61 3.50 -16.92 18.32
N ASP A 62 4.14 -16.00 19.04
CA ASP A 62 5.56 -16.09 19.34
C ASP A 62 5.79 -16.65 20.74
N ARG A 63 7.06 -16.77 21.12
CA ARG A 63 7.39 -17.28 22.44
C ARG A 63 7.00 -16.30 23.54
N THR A 64 7.00 -15.00 23.24
CA THR A 64 6.56 -14.00 24.21
C THR A 64 5.05 -13.98 24.39
N GLY A 65 4.30 -14.80 23.65
CA GLY A 65 2.86 -14.79 23.68
C GLY A 65 2.22 -13.86 22.66
N LYS A 66 2.96 -13.00 21.98
CA LYS A 66 2.32 -12.03 21.05
C LYS A 66 1.81 -12.78 19.81
N VAL A 67 0.59 -12.48 19.39
CA VAL A 67 0.03 -13.10 18.15
C VAL A 67 0.29 -12.13 17.01
N TRP A 68 0.82 -12.64 15.91
CA TRP A 68 1.19 -11.76 14.77
C TRP A 68 0.38 -12.14 13.54
N ARG A 69 -0.26 -11.17 12.90
CA ARG A 69 -1.04 -11.38 11.70
C ARG A 69 -0.26 -10.88 10.49
N PHE A 70 -0.07 -11.78 9.53
CA PHE A 70 0.55 -11.46 8.26
C PHE A 70 -0.40 -11.84 7.15
N ARG A 71 -0.18 -11.24 5.98
CA ARG A 71 -0.87 -11.65 4.77
C ARG A 71 0.04 -12.60 4.00
N TYR A 72 -0.50 -13.74 3.59
CA TYR A 72 0.23 -14.75 2.85
C TYR A 72 -0.30 -14.77 1.42
N SER A 73 0.57 -14.51 0.46
CA SER A 73 0.17 -14.50 -0.93
C SER A 73 1.33 -14.99 -1.80
N TYR A 74 1.04 -15.14 -3.09
CA TYR A 74 2.02 -15.53 -4.10
C TYR A 74 2.17 -14.38 -5.08
N TRP A 75 3.39 -13.87 -5.21
CA TRP A 75 3.68 -12.74 -6.07
C TRP A 75 4.12 -13.28 -7.43
N ASN A 76 3.26 -13.14 -8.43
CA ASN A 76 3.58 -13.69 -9.75
C ASN A 76 4.81 -13.03 -10.35
N SER A 77 5.02 -11.75 -10.06
CA SER A 77 6.15 -11.02 -10.63
C SER A 77 7.47 -11.69 -10.27
N SER A 78 7.65 -12.06 -9.01
CA SER A 78 8.84 -12.77 -8.56
C SER A 78 8.63 -14.27 -8.50
N GLN A 79 7.43 -14.75 -8.84
CA GLN A 79 7.05 -16.14 -8.65
C GLN A 79 7.50 -16.63 -7.28
N SER A 80 7.09 -15.88 -6.25
CA SER A 80 7.53 -16.11 -4.88
C SER A 80 6.32 -16.20 -3.95
N TYR A 81 6.34 -17.18 -3.05
CA TYR A 81 5.41 -17.18 -1.94
C TYR A 81 5.96 -16.28 -0.83
N VAL A 82 5.14 -15.35 -0.34
CA VAL A 82 5.63 -14.26 0.48
C VAL A 82 4.66 -13.92 1.61
N LEU A 83 5.23 -13.45 2.73
CA LEU A 83 4.50 -12.76 3.78
C LEU A 83 4.77 -11.26 3.64
N THR A 84 3.71 -10.45 3.56
CA THR A 84 3.85 -9.04 3.23
C THR A 84 3.31 -7.92 4.12
N LYS A 85 2.23 -8.15 4.86
CA LYS A 85 1.58 -7.08 5.60
C LYS A 85 1.93 -7.49 7.02
N GLY A 86 2.56 -6.58 7.77
CA GLY A 86 2.93 -6.83 9.15
C GLY A 86 4.29 -7.45 9.35
N TRP A 87 4.92 -7.94 8.27
CA TRP A 87 6.27 -8.50 8.41
C TRP A 87 7.26 -7.45 8.87
N SER A 88 7.14 -6.21 8.37
CA SER A 88 8.05 -5.16 8.79
C SER A 88 7.95 -4.91 10.29
N ARG A 89 6.76 -5.05 10.84
CA ARG A 89 6.58 -4.80 12.29
C ARG A 89 7.29 -5.90 13.06
N PHE A 90 7.10 -7.14 12.65
CA PHE A 90 7.83 -8.24 13.26
C PHE A 90 9.33 -7.97 13.24
N VAL A 91 9.86 -7.64 12.06
CA VAL A 91 11.30 -7.43 11.92
C VAL A 91 11.76 -6.30 12.84
N LYS A 92 11.02 -5.19 12.87
CA LYS A 92 11.44 -4.05 13.66
C LYS A 92 11.39 -4.35 15.16
N GLU A 93 10.35 -5.07 15.61
CA GLU A 93 10.23 -5.32 17.04
C GLU A 93 11.25 -6.36 17.50
N LYS A 94 11.47 -7.39 16.71
CA LYS A 94 12.44 -8.42 17.08
C LYS A 94 13.85 -8.09 16.63
N ASN A 95 14.03 -7.01 15.87
CA ASN A 95 15.32 -6.65 15.30
C ASN A 95 15.90 -7.80 14.49
N LEU A 96 15.03 -8.46 13.72
CA LEU A 96 15.46 -9.57 12.88
C LEU A 96 16.53 -9.11 11.90
N ARG A 97 17.59 -9.90 11.78
CA ARG A 97 18.74 -9.50 10.97
C ARG A 97 19.11 -10.62 10.01
N ALA A 98 19.75 -10.23 8.90
CA ALA A 98 20.13 -11.18 7.87
C ALA A 98 21.01 -12.27 8.47
N GLY A 99 20.65 -13.52 8.18
CA GLY A 99 21.35 -14.65 8.74
C GLY A 99 20.68 -15.28 9.93
N ASP A 100 19.71 -14.60 10.55
CA ASP A 100 18.96 -15.24 11.60
C ASP A 100 17.97 -16.23 10.98
N VAL A 101 17.30 -17.01 11.84
CA VAL A 101 16.48 -18.12 11.38
C VAL A 101 15.07 -17.96 11.93
N VAL A 102 14.08 -18.19 11.07
CA VAL A 102 12.66 -18.16 11.45
C VAL A 102 12.12 -19.57 11.35
N CYS A 103 11.53 -20.06 12.44
CA CYS A 103 10.99 -21.41 12.57
C CYS A 103 9.48 -21.32 12.76
N PHE A 104 8.73 -21.93 11.85
CA PHE A 104 7.26 -21.97 11.89
C PHE A 104 6.79 -23.30 12.48
N GLU A 105 5.83 -23.23 13.39
CA GLU A 105 5.39 -24.41 14.14
C GLU A 105 3.87 -24.45 14.24
N ARG A 106 3.33 -25.67 14.41
CA ARG A 106 1.90 -25.84 14.59
C ARG A 106 1.61 -26.76 15.76
N SER A 107 0.63 -26.38 16.58
CA SER A 107 0.22 -27.19 17.72
C SER A 107 -0.74 -28.28 17.28
N THR A 108 -0.72 -29.43 17.99
CA THR A 108 -1.56 -30.59 17.62
C THR A 108 -2.87 -30.52 18.41
N GLY A 109 -3.50 -29.36 18.45
CA GLY A 109 -4.71 -29.14 19.20
C GLY A 109 -5.93 -29.05 18.30
N PRO A 110 -7.18 -28.93 18.81
CA PRO A 110 -8.33 -28.75 17.94
C PRO A 110 -8.18 -27.45 17.12
N ASP A 111 -7.58 -26.42 17.73
CA ASP A 111 -7.42 -25.11 17.04
C ASP A 111 -6.20 -25.16 16.12
N ARG A 112 -5.32 -26.14 16.33
CA ARG A 112 -4.10 -26.30 15.51
C ARG A 112 -3.47 -24.92 15.28
N GLN A 113 -3.16 -24.20 16.36
CA GLN A 113 -2.63 -22.82 16.21
C GLN A 113 -1.26 -22.86 15.57
N LEU A 114 -0.98 -21.87 14.73
CA LEU A 114 0.37 -21.79 14.12
C LEU A 114 1.26 -20.94 15.02
N TYR A 115 2.58 -21.16 14.99
CA TYR A 115 3.47 -20.50 15.93
C TYR A 115 4.73 -20.06 15.20
N ILE A 116 5.27 -18.92 15.61
CA ILE A 116 6.47 -18.36 14.99
C ILE A 116 7.42 -17.88 16.09
N HIS A 117 8.72 -18.04 15.85
CA HIS A 117 9.75 -17.28 16.57
C HIS A 117 11.08 -17.57 15.91
N TRP A 118 12.08 -16.79 16.31
CA TRP A 118 13.34 -16.70 15.62
C TRP A 118 14.48 -17.23 16.48
N LYS A 119 15.57 -17.60 15.82
CA LYS A 119 16.78 -18.09 16.47
C LYS A 119 17.95 -17.19 16.12
N VAL A 120 19.07 -17.41 16.80
CA VAL A 120 20.26 -16.58 16.69
C VAL A 120 21.27 -17.29 15.79
N ARG A 121 21.82 -16.55 14.82
CA ARG A 121 23.14 -16.85 14.26
C ARG A 121 23.59 -15.73 13.32
N SER A 122 24.90 -15.56 13.18
CA SER A 122 25.52 -14.35 12.66
C SER A 122 25.50 -14.32 11.13
N SER A 123 25.71 -13.11 10.60
CA SER A 123 25.82 -12.84 9.16
C SER A 123 24.77 -13.56 8.31
N LEU B 10 -12.52 26.25 -4.25
CA LEU B 10 -11.33 27.08 -4.35
C LEU B 10 -10.27 26.62 -3.36
N PHE B 11 -9.25 25.91 -3.84
CA PHE B 11 -8.11 25.54 -3.01
C PHE B 11 -6.90 25.33 -3.88
N GLU B 12 -5.71 25.44 -3.28
CA GLU B 12 -4.46 25.39 -4.02
C GLU B 12 -3.48 24.46 -3.31
N LYS B 13 -2.68 23.76 -4.11
CA LYS B 13 -1.65 22.87 -3.59
C LYS B 13 -0.35 23.06 -4.35
N THR B 14 0.75 23.15 -3.61
CA THR B 14 2.07 23.02 -4.20
C THR B 14 2.33 21.54 -4.47
N VAL B 15 2.56 21.19 -5.72
CA VAL B 15 2.60 19.78 -6.12
C VAL B 15 3.95 19.18 -5.76
N THR B 16 3.91 17.93 -5.32
CA THR B 16 5.07 17.17 -4.90
C THR B 16 5.71 16.48 -6.10
N PRO B 17 6.95 16.01 -5.96
CA PRO B 17 7.51 15.17 -7.04
C PRO B 17 6.62 13.99 -7.36
N SER B 18 6.17 13.27 -6.33
CA SER B 18 5.28 12.13 -6.56
C SER B 18 4.03 12.54 -7.33
N ASP B 19 3.57 13.79 -7.15
CA ASP B 19 2.36 14.23 -7.83
C ASP B 19 2.53 14.22 -9.34
N VAL B 20 3.73 14.49 -9.83
CA VAL B 20 3.95 14.69 -11.25
C VAL B 20 4.79 13.55 -11.86
N GLY B 21 4.88 12.42 -11.16
CA GLY B 21 5.70 11.31 -11.60
C GLY B 21 4.88 10.11 -11.99
N LYS B 22 5.55 8.96 -12.14
CA LYS B 22 4.91 7.71 -12.62
C LYS B 22 3.90 7.12 -11.65
N LEU B 23 3.70 7.72 -10.48
CA LEU B 23 2.67 7.17 -9.61
C LEU B 23 1.27 7.47 -10.14
N ASN B 24 1.15 8.40 -11.08
CA ASN B 24 -0.11 8.71 -11.76
C ASN B 24 -1.22 9.00 -10.74
N ARG B 25 -0.91 9.96 -9.89
CA ARG B 25 -1.89 10.32 -8.85
C ARG B 25 -1.59 11.69 -8.30
N LEU B 26 -2.62 12.36 -7.87
CA LEU B 26 -2.47 13.61 -7.15
C LEU B 26 -3.18 13.47 -5.81
N VAL B 27 -2.46 13.74 -4.72
CA VAL B 27 -3.04 13.70 -3.40
C VAL B 27 -3.64 15.07 -3.10
N ILE B 28 -4.92 15.08 -2.76
CA ILE B 28 -5.61 16.27 -2.28
C ILE B 28 -5.50 16.32 -0.77
N PRO B 29 -5.03 17.42 -0.17
CA PRO B 29 -5.05 17.53 1.28
C PRO B 29 -6.46 17.37 1.82
N LYS B 30 -6.60 16.57 2.89
CA LYS B 30 -7.91 16.13 3.33
C LYS B 30 -8.76 17.29 3.84
N GLN B 31 -8.15 18.33 4.40
CA GLN B 31 -8.91 19.51 4.78
C GLN B 31 -9.70 20.04 3.58
N HIS B 32 -8.99 20.31 2.50
CA HIS B 32 -9.63 20.84 1.29
C HIS B 32 -10.56 19.82 0.66
N ALA B 33 -10.19 18.54 0.68
CA ALA B 33 -11.04 17.51 0.08
C ALA B 33 -12.38 17.44 0.77
N GLU B 34 -12.37 17.40 2.11
CA GLU B 34 -13.62 17.34 2.86
C GLU B 34 -14.40 18.65 2.76
N LYS B 35 -13.70 19.79 2.67
CA LYS B 35 -14.41 21.06 2.68
C LYS B 35 -15.07 21.35 1.33
N HIS B 36 -14.34 21.19 0.22
CA HIS B 36 -14.80 21.64 -1.08
C HIS B 36 -15.30 20.54 -2.00
N PHE B 37 -14.92 19.29 -1.77
CA PHE B 37 -15.28 18.17 -2.66
C PHE B 37 -15.79 16.99 -1.83
N PRO B 38 -17.04 17.04 -1.38
CA PRO B 38 -17.57 15.93 -0.58
C PRO B 38 -17.78 14.68 -1.43
N LEU B 39 -17.52 13.53 -0.82
CA LEU B 39 -17.74 12.24 -1.48
C LEU B 39 -18.96 11.54 -0.88
N PRO B 40 -19.69 10.78 -1.69
CA PRO B 40 -20.80 9.98 -1.13
C PRO B 40 -20.29 8.98 -0.10
N ALA B 41 -20.94 8.95 1.05
CA ALA B 41 -20.51 8.08 2.13
C ALA B 41 -21.66 7.19 2.60
N THR B 53 -15.17 3.93 -2.09
CA THR B 53 -15.67 3.13 -3.20
C THR B 53 -14.83 3.36 -4.46
N LYS B 54 -15.35 2.93 -5.61
CA LYS B 54 -14.64 3.18 -6.86
C LYS B 54 -14.55 4.66 -7.17
N GLY B 55 -15.39 5.49 -6.59
CA GLY B 55 -15.23 6.93 -6.68
C GLY B 55 -16.11 7.58 -7.73
N VAL B 56 -15.86 8.87 -7.93
CA VAL B 56 -16.68 9.68 -8.83
C VAL B 56 -15.80 10.25 -9.95
N LEU B 57 -16.47 10.79 -10.97
CA LEU B 57 -15.81 11.41 -12.11
C LEU B 57 -16.11 12.89 -12.11
N ILE B 58 -15.08 13.71 -12.30
CA ILE B 58 -15.14 15.14 -12.06
C ILE B 58 -14.64 15.88 -13.29
N ASN B 59 -15.35 16.93 -13.70
CA ASN B 59 -15.07 17.67 -14.92
C ASN B 59 -14.62 19.08 -14.57
N LEU B 60 -13.38 19.42 -14.94
CA LEU B 60 -12.84 20.76 -14.73
C LEU B 60 -12.48 21.39 -16.07
N GLU B 61 -12.13 22.68 -16.03
CA GLU B 61 -11.83 23.41 -17.25
C GLU B 61 -10.63 24.30 -17.03
N ASP B 62 -9.74 24.37 -18.02
CA ASP B 62 -8.55 25.20 -17.95
C ASP B 62 -8.76 26.50 -18.70
N ARG B 63 -7.75 27.38 -18.62
CA ARG B 63 -7.85 28.68 -19.27
C ARG B 63 -8.04 28.53 -20.77
N THR B 64 -7.41 27.51 -21.37
CA THR B 64 -7.64 27.21 -22.79
C THR B 64 -9.07 26.76 -23.07
N GLY B 65 -9.90 26.59 -22.04
CA GLY B 65 -11.25 26.11 -22.22
C GLY B 65 -11.37 24.61 -22.42
N LYS B 66 -10.25 23.89 -22.46
CA LYS B 66 -10.32 22.44 -22.47
C LYS B 66 -10.87 21.96 -21.14
N VAL B 67 -11.71 20.95 -21.20
CA VAL B 67 -12.33 20.37 -20.02
C VAL B 67 -11.76 18.98 -19.77
N TRP B 68 -11.15 18.84 -18.61
CA TRP B 68 -10.47 17.62 -18.19
C TRP B 68 -11.39 16.79 -17.31
N ARG B 69 -11.38 15.49 -17.52
CA ARG B 69 -12.14 14.56 -16.70
C ARG B 69 -11.17 13.75 -15.86
N PHE B 70 -11.30 13.83 -14.54
CA PHE B 70 -10.47 13.09 -13.61
C PHE B 70 -11.34 12.16 -12.77
N ARG B 71 -10.70 11.19 -12.12
CA ARG B 71 -11.39 10.31 -11.19
C ARG B 71 -10.97 10.68 -9.77
N TYR B 72 -11.95 11.02 -8.96
CA TYR B 72 -11.75 11.47 -7.59
C TYR B 72 -12.18 10.33 -6.68
N SER B 73 -11.27 9.89 -5.81
CA SER B 73 -11.53 8.70 -5.02
C SER B 73 -10.86 8.83 -3.66
N TYR B 74 -11.24 7.91 -2.77
CA TYR B 74 -10.70 7.84 -1.42
C TYR B 74 -9.98 6.50 -1.26
N TRP B 75 -8.72 6.56 -0.81
CA TRP B 75 -7.95 5.33 -0.51
C TRP B 75 -8.01 5.14 1.00
N ASN B 76 -8.78 4.18 1.51
CA ASN B 76 -9.02 3.99 2.97
C ASN B 76 -7.80 3.33 3.61
N SER B 77 -6.96 2.75 2.78
CA SER B 77 -5.70 2.18 3.28
C SER B 77 -4.86 3.33 3.80
N SER B 78 -4.72 4.38 2.99
CA SER B 78 -3.84 5.53 3.34
C SER B 78 -4.75 6.63 3.84
N GLN B 79 -6.06 6.36 3.84
CA GLN B 79 -7.04 7.41 4.21
C GLN B 79 -6.67 8.70 3.46
N SER B 80 -6.58 8.67 2.13
CA SER B 80 -6.22 9.89 1.45
C SER B 80 -7.07 10.06 0.20
N TYR B 81 -7.36 11.31 -0.13
CA TYR B 81 -8.15 11.62 -1.32
C TYR B 81 -7.22 11.83 -2.50
N VAL B 82 -7.52 11.19 -3.62
CA VAL B 82 -6.60 11.18 -4.75
C VAL B 82 -7.38 11.31 -6.06
N LEU B 83 -6.79 12.07 -6.98
CA LEU B 83 -7.14 12.02 -8.38
C LEU B 83 -6.23 11.02 -9.08
N THR B 84 -6.83 10.11 -9.84
CA THR B 84 -6.02 9.10 -10.52
C THR B 84 -6.18 9.20 -12.02
N LYS B 85 -7.22 8.59 -12.58
CA LYS B 85 -7.35 8.52 -14.03
C LYS B 85 -7.46 9.92 -14.63
N GLY B 86 -6.58 10.22 -15.59
CA GLY B 86 -6.60 11.49 -16.29
C GLY B 86 -5.61 12.52 -15.78
N TRP B 87 -5.04 12.31 -14.60
CA TRP B 87 -4.09 13.29 -14.08
C TRP B 87 -2.79 13.31 -14.89
N SER B 88 -2.34 12.16 -15.36
CA SER B 88 -1.05 12.10 -16.03
C SER B 88 -1.05 12.90 -17.33
N ARG B 89 -2.17 12.84 -18.07
CA ARG B 89 -2.28 13.59 -19.34
C ARG B 89 -2.22 15.08 -19.03
N PHE B 90 -2.88 15.50 -17.95
CA PHE B 90 -2.77 16.89 -17.51
C PHE B 90 -1.32 17.27 -17.25
N VAL B 91 -0.62 16.45 -16.46
CA VAL B 91 0.78 16.72 -16.15
C VAL B 91 1.60 16.86 -17.42
N LYS B 92 1.35 15.99 -18.40
CA LYS B 92 2.19 15.97 -19.60
C LYS B 92 1.87 17.13 -20.53
N GLU B 93 0.59 17.46 -20.69
CA GLU B 93 0.24 18.59 -21.54
C GLU B 93 0.71 19.91 -20.93
N LYS B 94 0.46 20.10 -19.64
CA LYS B 94 0.88 21.33 -18.98
C LYS B 94 2.36 21.32 -18.61
N ASN B 95 3.04 20.20 -18.76
CA ASN B 95 4.43 20.06 -18.31
C ASN B 95 4.56 20.51 -16.86
N LEU B 96 3.75 19.92 -16.00
CA LEU B 96 3.81 20.23 -14.58
C LEU B 96 5.15 19.78 -13.98
N ARG B 97 5.57 20.48 -12.92
CA ARG B 97 6.82 20.19 -12.26
C ARG B 97 6.64 20.29 -10.75
N ALA B 98 7.48 19.56 -10.01
CA ALA B 98 7.49 19.70 -8.56
C ALA B 98 7.82 21.14 -8.20
N GLY B 99 7.04 21.71 -7.30
CA GLY B 99 7.17 23.10 -6.92
C GLY B 99 6.12 24.00 -7.50
N ASP B 100 5.53 23.64 -8.64
CA ASP B 100 4.46 24.45 -9.20
C ASP B 100 3.23 24.39 -8.29
N VAL B 101 2.25 25.24 -8.60
CA VAL B 101 1.03 25.35 -7.80
C VAL B 101 -0.16 25.03 -8.69
N VAL B 102 -1.09 24.25 -8.15
CA VAL B 102 -2.34 23.91 -8.83
C VAL B 102 -3.50 24.51 -8.04
N CYS B 103 -4.38 25.21 -8.74
CA CYS B 103 -5.47 26.01 -8.17
C CYS B 103 -6.79 25.53 -8.74
N PHE B 104 -7.72 25.16 -7.85
CA PHE B 104 -9.06 24.71 -8.20
C PHE B 104 -10.05 25.79 -7.83
N GLU B 105 -10.91 26.16 -8.78
CA GLU B 105 -11.85 27.25 -8.64
C GLU B 105 -13.23 26.75 -9.03
N ARG B 106 -14.28 27.48 -8.68
CA ARG B 106 -15.67 27.09 -9.09
C ARG B 106 -16.38 28.26 -9.75
N SER B 107 -17.50 28.00 -10.43
CA SER B 107 -18.22 29.06 -11.19
C SER B 107 -18.72 30.15 -10.25
N THR B 108 -18.65 31.41 -10.68
CA THR B 108 -19.21 32.52 -9.87
C THR B 108 -20.73 32.41 -9.85
N GLY B 109 -21.36 32.05 -10.97
CA GLY B 109 -22.79 32.00 -11.06
C GLY B 109 -23.35 30.64 -10.69
N PRO B 110 -24.59 30.37 -11.10
CA PRO B 110 -25.22 29.08 -10.77
C PRO B 110 -24.79 27.93 -11.66
N ASP B 111 -23.85 28.16 -12.59
CA ASP B 111 -23.44 27.12 -13.52
C ASP B 111 -22.84 25.92 -12.80
N ARG B 112 -22.34 26.12 -11.59
CA ARG B 112 -21.87 25.04 -10.71
C ARG B 112 -20.63 24.34 -11.25
N GLN B 113 -19.90 24.98 -12.17
CA GLN B 113 -18.85 24.31 -12.92
C GLN B 113 -17.49 24.59 -12.31
N LEU B 114 -16.65 23.56 -12.27
CA LEU B 114 -15.32 23.64 -11.66
C LEU B 114 -14.26 23.92 -12.72
N TYR B 115 -13.27 24.73 -12.34
CA TYR B 115 -12.17 25.10 -13.21
C TYR B 115 -10.86 24.71 -12.56
N ILE B 116 -9.89 24.34 -13.39
CA ILE B 116 -8.54 24.00 -12.95
C ILE B 116 -7.56 24.91 -13.65
N HIS B 117 -6.57 25.42 -12.91
CA HIS B 117 -5.50 26.18 -13.55
C HIS B 117 -4.22 25.98 -12.75
N TRP B 118 -3.09 26.31 -13.38
CA TRP B 118 -1.80 26.05 -12.78
C TRP B 118 -0.91 27.28 -12.91
N LYS B 119 -0.28 27.65 -11.81
CA LYS B 119 0.78 28.65 -11.76
C LYS B 119 2.06 27.93 -11.38
N VAL B 120 3.15 28.70 -11.39
CA VAL B 120 4.51 28.11 -11.18
C VAL B 120 5.27 28.81 -10.06
N ARG B 121 5.51 28.12 -8.92
CA ARG B 121 6.40 28.64 -7.86
C ARG B 121 6.10 30.10 -7.49
N SER B 122 4.82 30.46 -7.30
CA SER B 122 4.45 31.83 -6.90
C SER B 122 5.41 32.85 -7.54
#